data_1LHC
#
_entry.id   1LHC
#
_cell.length_a   70.800
_cell.length_b   72.300
_cell.length_c   72.600
_cell.angle_alpha   90.00
_cell.angle_beta   100.60
_cell.angle_gamma   90.00
#
_symmetry.space_group_name_H-M   'C 1 2 1'
#
loop_
_entity.id
_entity.type
_entity.pdbx_description
1 polymer ALPHA-THROMBIN
2 polymer ALPHA-THROMBIN
3 polymer HIRUDIN
4 non-polymer AC-(D)PHE-PRO-BOROARG-OH
5 water water
#
loop_
_entity_poly.entity_id
_entity_poly.type
_entity_poly.pdbx_seq_one_letter_code
_entity_poly.pdbx_strand_id
1 'polypeptide(L)' TFGSGEADCGLRPLFEKKSLEDKTERELLESYIDGR L
2 'polypeptide(L)'
;IVEGSDAEIGMSPWQVMLFRKSPQELLCGASLISDRWVLTAAHCLLYPPWDKNFTENDLLVRIGKHSRTRYERNIEKISM
LEKIYIHPRYNWRENLDRDIALMKLKKPVAFSDYIHPVCLPDRETAASLLQAGYKGRVTGWGNLKETWTANVGKGQPSVL
QVVNLPIVERPVCKDSTRIRITDNMFCAGYKPDEGKRGDACEGDSGGPFVMKSPFNNRWYQMGIVSWGEGCDRDGKYGFY
THVFRLKKWIQKVIDQFGE
;
H
3 'polypeptide(L)' GDFEEIPEEYLQ I
#
loop_
_chem_comp.id
_chem_comp.type
_chem_comp.name
_chem_comp.formula
DP7 non-polymer AC-(D)PHE-PRO-BOROARG-OH 'C21 H33 B N6 O5'
#
# COMPACT_ATOMS: atom_id res chain seq x y z
N ALA A 7 -16.53 -5.43 7.49
CA ALA A 7 -17.36 -5.25 8.71
C ALA A 7 -17.68 -3.76 8.83
N ASP A 8 -16.75 -3.09 9.51
CA ASP A 8 -16.76 -1.63 9.67
C ASP A 8 -15.57 -1.08 8.82
N CYS A 9 -15.11 -1.96 7.94
CA CYS A 9 -13.96 -1.65 7.09
C CYS A 9 -14.18 -0.40 6.27
N GLY A 10 -13.07 0.29 6.03
CA GLY A 10 -13.02 1.45 5.14
C GLY A 10 -13.63 2.74 5.62
N LEU A 11 -14.14 2.74 6.85
CA LEU A 11 -14.71 3.96 7.47
C LEU A 11 -13.74 4.41 8.56
N ARG A 12 -13.06 5.50 8.28
CA ARG A 12 -12.03 6.05 9.20
C ARG A 12 -12.74 6.77 10.38
N PRO A 13 -12.23 6.47 11.56
CA PRO A 13 -12.75 7.09 12.79
C PRO A 13 -12.77 8.60 12.75
N LEU A 14 -11.72 9.22 12.24
CA LEU A 14 -11.59 10.67 12.26
C LEU A 14 -12.20 11.35 11.07
N PHE A 15 -12.72 10.55 10.14
CA PHE A 15 -13.31 11.11 8.91
C PHE A 15 -14.75 10.65 8.71
N GLU A 16 -14.93 9.60 7.91
CA GLU A 16 -16.26 9.08 7.60
C GLU A 16 -17.19 8.96 8.80
N LYS A 17 -16.71 8.45 9.89
CA LYS A 17 -17.45 8.28 11.13
C LYS A 17 -17.94 9.59 11.72
N LYS A 18 -17.24 10.67 11.48
CA LYS A 18 -17.60 11.99 12.03
C LYS A 18 -18.17 12.88 10.95
N SER A 19 -18.23 12.31 9.76
CA SER A 19 -18.72 13.02 8.56
C SER A 19 -17.80 14.18 8.21
N LEU A 20 -16.50 14.00 8.40
CA LEU A 20 -15.51 15.01 7.95
C LEU A 20 -14.80 14.43 6.70
N GLU A 21 -14.39 15.32 5.85
CA GLU A 21 -13.69 15.00 4.61
C GLU A 21 -12.21 15.40 4.75
N ASP A 22 -11.36 14.52 4.20
CA ASP A 22 -9.93 14.87 4.12
C ASP A 22 -9.83 15.94 3.01
N LYS A 23 -8.65 16.55 3.02
CA LYS A 23 -8.33 17.69 2.17
C LYS A 23 -8.31 17.41 0.70
N THR A 24 -8.09 16.17 0.27
CA THR A 24 -8.07 15.89 -1.17
C THR A 24 -8.96 14.77 -1.63
N GLU A 25 -9.77 14.19 -0.77
CA GLU A 25 -10.62 13.07 -1.19
C GLU A 25 -11.56 13.44 -2.30
N ARG A 26 -11.99 14.68 -2.37
CA ARG A 26 -12.92 15.18 -3.37
C ARG A 26 -12.36 14.99 -4.79
N GLU A 27 -11.03 15.07 -4.87
CA GLU A 27 -10.31 14.87 -6.14
C GLU A 27 -10.60 13.48 -6.69
N LEU A 28 -10.56 12.49 -5.82
CA LEU A 28 -10.88 11.10 -6.16
C LEU A 28 -12.32 10.97 -6.68
N LEU A 29 -13.23 11.41 -5.82
CA LEU A 29 -14.66 11.33 -6.14
C LEU A 29 -14.98 12.02 -7.45
N GLU A 30 -14.32 13.16 -7.70
CA GLU A 30 -14.56 13.94 -8.92
C GLU A 30 -14.08 13.27 -10.18
N SER A 31 -13.22 12.29 -10.03
CA SER A 31 -12.63 11.56 -11.16
C SER A 31 -13.50 10.36 -11.56
N TYR A 32 -14.44 10.03 -10.69
CA TYR A 32 -15.31 8.86 -10.91
C TYR A 32 -16.53 9.25 -11.75
N ILE B 1 7.16 8.42 -1.79
CA ILE B 1 6.23 9.20 -2.58
C ILE B 1 6.91 10.46 -3.12
N VAL B 2 6.70 10.69 -4.39
CA VAL B 2 7.21 11.81 -5.14
C VAL B 2 6.11 12.77 -5.58
N GLU B 3 6.27 14.01 -5.13
CA GLU B 3 5.31 15.08 -5.42
C GLU B 3 4.01 14.85 -4.65
N GLY B 4 4.17 14.24 -3.47
CA GLY B 4 3.08 13.95 -2.55
C GLY B 4 2.95 15.12 -1.55
N SER B 5 2.22 14.89 -0.48
CA SER B 5 1.99 15.92 0.56
C SER B 5 1.97 15.16 1.88
N ASP B 6 2.16 15.87 2.95
CA ASP B 6 2.05 15.24 4.29
C ASP B 6 0.57 14.78 4.43
N ALA B 7 0.43 13.59 4.93
CA ALA B 7 -0.90 13.03 5.21
C ALA B 7 -1.42 13.75 6.47
N GLU B 8 -2.74 13.80 6.52
CA GLU B 8 -3.44 14.29 7.73
C GLU B 8 -3.45 13.18 8.77
N ILE B 9 -3.60 13.56 10.02
CA ILE B 9 -3.69 12.58 11.11
C ILE B 9 -4.97 11.74 10.87
N GLY B 10 -4.83 10.45 10.99
CA GLY B 10 -5.96 9.51 10.85
C GLY B 10 -6.45 9.34 9.42
N MET B 11 -5.67 9.77 8.46
CA MET B 11 -6.01 9.72 7.04
C MET B 11 -5.98 8.31 6.47
N SER B 12 -5.03 7.49 6.84
CA SER B 12 -4.89 6.10 6.37
C SER B 12 -4.61 5.18 7.58
N PRO B 13 -5.64 4.96 8.35
CA PRO B 13 -5.51 4.19 9.61
C PRO B 13 -5.15 2.75 9.38
N TRP B 14 -5.18 2.34 8.11
CA TRP B 14 -4.76 0.98 7.73
C TRP B 14 -3.26 0.93 7.35
N GLN B 15 -2.64 2.10 7.21
CA GLN B 15 -1.21 2.13 6.78
C GLN B 15 -0.36 1.40 7.77
N VAL B 16 0.45 0.47 7.35
CA VAL B 16 1.34 -0.29 8.27
C VAL B 16 2.81 -0.14 7.88
N MET B 17 3.69 -0.07 8.87
CA MET B 17 5.13 0.02 8.59
C MET B 17 5.79 -1.34 8.83
N LEU B 18 6.52 -1.82 7.83
CA LEU B 18 7.33 -3.07 8.01
C LEU B 18 8.72 -2.55 8.46
N PHE B 19 9.15 -3.16 9.54
CA PHE B 19 10.38 -2.70 10.24
C PHE B 19 11.23 -3.87 10.72
N ARG B 20 12.52 -3.75 10.37
CA ARG B 20 13.48 -4.78 10.81
C ARG B 20 14.16 -4.34 12.12
N LYS B 21 14.42 -5.39 12.88
CA LYS B 21 15.05 -5.33 14.19
C LYS B 21 16.50 -4.89 14.10
N SER B 22 17.32 -5.74 13.47
CA SER B 22 18.78 -5.49 13.40
C SER B 22 19.28 -5.61 11.96
N PRO B 23 19.63 -4.51 11.33
CA PRO B 23 19.56 -3.15 11.84
C PRO B 23 18.11 -2.66 11.90
N GLN B 24 17.83 -1.78 12.85
CA GLN B 24 16.47 -1.19 12.97
C GLN B 24 16.31 -0.34 11.69
N GLU B 25 15.29 -0.66 10.92
CA GLU B 25 15.09 0.08 9.67
C GLU B 25 13.76 -0.25 8.99
N LEU B 26 13.35 0.70 8.16
CA LEU B 26 12.14 0.69 7.39
C LEU B 26 12.29 -0.23 6.17
N LEU B 27 11.53 -1.30 6.16
CA LEU B 27 11.58 -2.24 5.05
C LEU B 27 10.61 -1.88 3.95
N CYS B 28 9.35 -1.68 4.34
CA CYS B 28 8.27 -1.46 3.35
C CYS B 28 7.01 -0.90 4.04
N GLY B 29 6.01 -0.67 3.20
CA GLY B 29 4.66 -0.30 3.65
C GLY B 29 3.88 -1.65 3.68
N ALA B 30 2.65 -1.53 4.16
CA ALA B 30 1.76 -2.72 4.25
C ALA B 30 0.39 -2.11 4.61
N SER B 31 -0.61 -2.95 4.71
CA SER B 31 -1.98 -2.51 5.03
C SER B 31 -2.66 -3.48 5.99
N LEU B 32 -3.49 -2.88 6.83
CA LEU B 32 -4.27 -3.67 7.83
C LEU B 32 -5.63 -3.96 7.18
N ILE B 33 -5.93 -5.25 7.07
CA ILE B 33 -7.16 -5.73 6.46
C ILE B 33 -8.10 -6.33 7.51
N SER B 34 -7.58 -6.58 8.69
CA SER B 34 -8.34 -7.10 9.83
C SER B 34 -7.47 -7.00 11.06
N ASP B 35 -8.00 -7.42 12.21
CA ASP B 35 -7.31 -7.34 13.51
C ASP B 35 -6.07 -8.21 13.65
N ARG B 36 -5.94 -9.19 12.75
CA ARG B 36 -4.86 -10.15 12.72
C ARG B 36 -4.11 -10.31 11.39
N TRP B 37 -4.57 -9.66 10.33
CA TRP B 37 -3.98 -9.83 9.01
C TRP B 37 -3.47 -8.55 8.36
N VAL B 38 -2.25 -8.65 7.84
CA VAL B 38 -1.62 -7.56 7.10
C VAL B 38 -1.30 -7.99 5.66
N LEU B 39 -1.53 -7.14 4.71
CA LEU B 39 -1.25 -7.32 3.30
C LEU B 39 -0.04 -6.45 2.88
N THR B 40 0.88 -7.10 2.16
CA THR B 40 2.09 -6.44 1.65
C THR B 40 2.49 -7.06 0.31
N ALA B 41 3.58 -6.56 -0.25
CA ALA B 41 4.11 -7.10 -1.55
C ALA B 41 5.03 -8.25 -1.21
N ALA B 42 5.08 -9.31 -2.00
CA ALA B 42 5.98 -10.45 -1.72
C ALA B 42 7.46 -10.02 -1.77
N HIS B 43 7.80 -9.10 -2.64
CA HIS B 43 9.20 -8.70 -2.82
C HIS B 43 9.76 -7.98 -1.59
N CYS B 44 8.88 -7.57 -0.69
CA CYS B 44 9.32 -6.93 0.57
C CYS B 44 9.99 -7.98 1.44
N LEU B 45 9.55 -9.22 1.27
CA LEU B 45 10.06 -10.33 2.09
C LEU B 45 11.06 -11.19 1.34
N LEU B 46 10.82 -11.42 0.06
CA LEU B 46 11.67 -12.34 -0.73
C LEU B 46 12.00 -11.79 -2.11
N TYR B 47 13.31 -11.74 -2.33
CA TYR B 47 13.87 -11.25 -3.62
C TYR B 47 15.30 -11.78 -3.73
N PRO B 48 15.38 -13.03 -4.18
CA PRO B 48 16.63 -13.77 -4.24
C PRO B 48 17.78 -13.08 -4.90
N PRO B 49 17.51 -12.28 -5.90
CA PRO B 49 18.52 -11.56 -6.66
C PRO B 49 19.25 -10.50 -5.86
N TRP B 50 18.68 -10.14 -4.71
CA TRP B 50 19.28 -9.15 -3.80
C TRP B 50 19.52 -9.84 -2.45
N ASP B 51 19.44 -11.15 -2.48
CA ASP B 51 19.68 -11.95 -1.28
C ASP B 51 18.72 -11.57 -0.15
N LYS B 52 17.53 -11.15 -0.53
CA LYS B 52 16.47 -10.79 0.42
C LYS B 52 15.51 -11.96 0.65
N ASN B 53 15.44 -12.34 1.92
CA ASN B 53 14.58 -13.46 2.35
C ASN B 53 14.33 -13.43 3.86
N PHE B 54 13.37 -12.62 4.25
CA PHE B 54 12.98 -12.41 5.63
C PHE B 54 11.96 -13.43 6.15
N THR B 55 12.18 -13.74 7.41
CA THR B 55 11.34 -14.63 8.21
C THR B 55 10.61 -13.75 9.24
N GLU B 56 9.65 -14.36 9.88
CA GLU B 56 8.81 -13.72 10.89
C GLU B 56 9.58 -13.16 12.06
N ASN B 57 10.67 -13.83 12.39
CA ASN B 57 11.54 -13.46 13.51
C ASN B 57 12.31 -12.17 13.19
N ASP B 58 12.46 -11.92 11.91
CA ASP B 58 13.22 -10.80 11.38
C ASP B 58 12.56 -9.45 11.47
N LEU B 59 11.24 -9.42 11.53
CA LEU B 59 10.50 -8.15 11.44
C LEU B 59 9.54 -7.87 12.59
N LEU B 60 9.08 -6.62 12.49
CA LEU B 60 8.06 -6.05 13.39
C LEU B 60 7.13 -5.23 12.49
N VAL B 61 5.85 -5.26 12.86
CA VAL B 61 4.86 -4.41 12.17
C VAL B 61 4.52 -3.24 13.12
N ARG B 62 4.51 -2.06 12.58
CA ARG B 62 4.19 -0.84 13.32
C ARG B 62 2.93 -0.19 12.73
N ILE B 63 1.89 -0.20 13.56
CA ILE B 63 0.55 0.28 13.16
C ILE B 63 0.09 1.54 13.87
N GLY B 64 -0.57 2.41 13.15
CA GLY B 64 -1.14 3.66 13.67
C GLY B 64 -0.12 4.79 13.67
N LYS B 65 0.91 4.60 12.82
CA LYS B 65 2.01 5.55 12.69
C LYS B 65 1.73 6.69 11.74
N HIS B 66 2.45 7.78 12.05
CA HIS B 66 2.39 9.04 11.28
C HIS B 66 3.83 9.45 10.98
N SER B 67 4.58 9.54 12.08
CA SER B 67 6.01 9.90 12.04
C SER B 67 6.79 8.66 11.56
N ARG B 68 7.69 8.92 10.64
CA ARG B 68 8.56 7.86 10.08
C ARG B 68 9.47 7.27 11.13
N THR B 69 10.24 8.13 11.79
CA THR B 69 11.27 7.75 12.74
C THR B 69 10.98 7.65 14.19
N ARG B 70 10.06 8.43 14.71
CA ARG B 70 9.70 8.48 16.13
C ARG B 70 8.93 7.27 16.63
N TYR B 71 9.16 6.94 17.88
CA TYR B 71 8.35 5.88 18.53
C TYR B 71 7.11 6.61 19.08
N GLU B 72 6.01 6.46 18.41
CA GLU B 72 4.77 7.18 18.78
C GLU B 72 4.09 6.59 19.96
N ARG B 73 4.70 6.89 21.12
CA ARG B 73 4.45 6.39 22.41
C ARG B 73 3.05 6.01 22.78
N ASN B 74 2.13 6.90 22.49
CA ASN B 74 0.74 6.61 23.02
C ASN B 74 -0.22 6.25 21.91
N ILE B 75 0.32 6.22 20.70
CA ILE B 75 -0.44 6.02 19.49
C ILE B 75 -0.18 4.80 18.68
N GLU B 76 1.05 4.50 18.35
CA GLU B 76 1.34 3.30 17.53
C GLU B 76 1.29 2.06 18.38
N LYS B 77 1.06 0.94 17.73
CA LYS B 77 1.08 -0.41 18.32
C LYS B 77 2.06 -1.23 17.48
N ILE B 78 2.90 -2.00 18.16
CA ILE B 78 3.91 -2.82 17.46
C ILE B 78 3.55 -4.28 17.62
N SER B 79 3.62 -5.02 16.52
CA SER B 79 3.29 -6.45 16.60
C SER B 79 4.41 -7.30 15.98
N MET B 80 4.43 -8.50 16.54
CA MET B 80 5.30 -9.61 16.12
C MET B 80 4.42 -10.42 15.13
N LEU B 81 5.08 -11.09 14.21
CA LEU B 81 4.36 -11.90 13.21
C LEU B 81 4.35 -13.36 13.66
N GLU B 82 3.23 -14.00 13.38
CA GLU B 82 3.08 -15.43 13.66
C GLU B 82 3.58 -16.21 12.45
N LYS B 83 3.08 -15.81 11.27
CA LYS B 83 3.47 -16.51 10.05
C LYS B 83 3.35 -15.65 8.82
N ILE B 84 4.24 -15.96 7.87
CA ILE B 84 4.29 -15.30 6.56
C ILE B 84 3.83 -16.24 5.44
N TYR B 85 3.02 -15.72 4.54
CA TYR B 85 2.50 -16.42 3.39
C TYR B 85 2.72 -15.59 2.13
N ILE B 86 3.60 -16.10 1.30
CA ILE B 86 3.85 -15.52 -0.04
C ILE B 86 3.04 -16.34 -1.08
N HIS B 87 2.50 -15.70 -2.07
CA HIS B 87 1.77 -16.40 -3.15
C HIS B 87 2.74 -17.46 -3.73
N PRO B 88 2.25 -18.68 -3.80
CA PRO B 88 3.04 -19.79 -4.31
C PRO B 88 3.55 -19.51 -5.70
N ARG B 89 2.91 -18.63 -6.46
CA ARG B 89 3.33 -18.34 -7.83
C ARG B 89 3.90 -16.95 -8.07
N TYR B 90 4.40 -16.31 -7.03
CA TYR B 90 5.07 -14.99 -7.20
C TYR B 90 6.30 -15.25 -8.09
N ASN B 91 6.45 -14.46 -9.11
CA ASN B 91 7.54 -14.57 -10.08
C ASN B 91 8.59 -13.48 -9.84
N TRP B 92 9.48 -13.78 -8.93
CA TRP B 92 10.62 -12.88 -8.66
C TRP B 92 11.71 -13.10 -9.73
N ARG B 93 11.53 -14.12 -10.55
CA ARG B 93 12.54 -14.44 -11.56
C ARG B 93 12.48 -13.48 -12.73
N GLU B 94 11.24 -13.16 -13.09
CA GLU B 94 10.99 -12.31 -14.23
C GLU B 94 10.40 -10.93 -14.02
N ASN B 95 9.10 -10.86 -13.69
CA ASN B 95 8.43 -9.57 -13.64
C ASN B 95 7.68 -9.23 -12.36
N LEU B 96 7.93 -9.90 -11.27
CA LEU B 96 7.22 -9.64 -9.99
C LEU B 96 5.71 -9.92 -10.14
N ASP B 97 5.39 -10.75 -11.11
CA ASP B 97 3.99 -11.19 -11.30
C ASP B 97 3.52 -11.80 -9.96
N ARG B 98 2.32 -11.42 -9.58
CA ARG B 98 1.71 -11.90 -8.32
C ARG B 98 2.54 -11.47 -7.11
N ASP B 99 2.84 -10.18 -7.08
CA ASP B 99 3.67 -9.63 -5.95
C ASP B 99 2.75 -9.36 -4.74
N ILE B 100 2.51 -10.40 -3.97
CA ILE B 100 1.59 -10.29 -2.81
C ILE B 100 1.94 -11.31 -1.76
N ALA B 101 1.68 -10.92 -0.50
CA ALA B 101 1.94 -11.77 0.66
C ALA B 101 0.99 -11.32 1.79
N LEU B 102 0.75 -12.28 2.66
CA LEU B 102 -0.06 -12.08 3.87
C LEU B 102 0.79 -12.40 5.10
N MET B 103 0.55 -11.61 6.11
CA MET B 103 1.21 -11.72 7.42
C MET B 103 0.08 -11.80 8.47
N LYS B 104 0.23 -12.80 9.28
CA LYS B 104 -0.67 -13.13 10.41
C LYS B 104 0.06 -12.66 11.68
N LEU B 105 -0.58 -11.73 12.35
CA LEU B 105 -0.02 -11.11 13.58
C LEU B 105 -0.11 -12.12 14.71
N LYS B 106 0.84 -12.10 15.62
CA LYS B 106 0.82 -13.02 16.78
C LYS B 106 -0.41 -12.84 17.66
N LYS B 107 -0.89 -11.61 17.74
CA LYS B 107 -2.09 -11.22 18.49
C LYS B 107 -2.81 -10.12 17.71
N PRO B 108 -4.12 -10.11 17.84
CA PRO B 108 -4.99 -9.14 17.16
C PRO B 108 -4.76 -7.75 17.76
N VAL B 109 -4.86 -6.73 16.95
CA VAL B 109 -4.68 -5.34 17.41
C VAL B 109 -6.11 -4.79 17.69
N ALA B 110 -6.15 -3.99 18.74
CA ALA B 110 -7.45 -3.31 19.03
C ALA B 110 -7.41 -2.08 18.11
N PHE B 111 -8.54 -1.72 17.59
CA PHE B 111 -8.68 -0.57 16.70
C PHE B 111 -8.68 0.70 17.56
N SER B 112 -8.54 1.83 16.89
CA SER B 112 -8.47 3.15 17.55
C SER B 112 -8.71 4.21 16.47
N ASP B 113 -8.57 5.47 16.84
CA ASP B 113 -8.77 6.59 15.92
C ASP B 113 -7.71 6.50 14.78
N TYR B 114 -6.62 5.87 15.14
CA TYR B 114 -5.46 5.79 14.25
C TYR B 114 -5.24 4.46 13.59
N ILE B 115 -5.93 3.44 13.99
CA ILE B 115 -5.82 2.06 13.52
C ILE B 115 -7.22 1.52 13.17
N HIS B 116 -7.33 1.12 11.90
CA HIS B 116 -8.64 0.64 11.37
C HIS B 116 -8.37 0.00 10.00
N PRO B 117 -9.06 -1.11 9.76
CA PRO B 117 -8.86 -1.86 8.52
C PRO B 117 -9.46 -1.26 7.27
N VAL B 118 -8.79 -1.54 6.14
CA VAL B 118 -9.32 -1.11 4.84
C VAL B 118 -10.17 -2.31 4.31
N CYS B 119 -11.10 -2.08 3.44
CA CYS B 119 -11.89 -3.11 2.79
C CYS B 119 -11.14 -3.65 1.52
N LEU B 120 -11.39 -4.92 1.29
CA LEU B 120 -10.97 -5.65 0.08
C LEU B 120 -12.18 -5.60 -0.88
N PRO B 121 -11.89 -5.32 -2.13
CA PRO B 121 -12.92 -5.16 -3.14
C PRO B 121 -13.63 -6.46 -3.49
N ASP B 122 -14.86 -6.25 -3.94
CA ASP B 122 -15.72 -7.34 -4.46
C ASP B 122 -15.73 -7.11 -5.99
N ARG B 123 -16.23 -8.09 -6.69
CA ARG B 123 -16.33 -8.09 -8.14
C ARG B 123 -16.95 -6.85 -8.74
N GLU B 124 -18.06 -6.37 -8.20
CA GLU B 124 -18.76 -5.19 -8.71
C GLU B 124 -18.02 -3.90 -8.43
N THR B 125 -17.49 -3.78 -7.23
CA THR B 125 -16.69 -2.60 -6.84
C THR B 125 -15.47 -2.50 -7.75
N ALA B 126 -14.72 -3.59 -7.83
CA ALA B 126 -13.51 -3.63 -8.68
C ALA B 126 -13.90 -3.21 -10.10
N ALA B 127 -15.05 -3.73 -10.53
CA ALA B 127 -15.57 -3.43 -11.86
C ALA B 127 -15.90 -1.99 -12.09
N SER B 128 -16.53 -1.31 -11.14
CA SER B 128 -16.91 0.10 -11.32
C SER B 128 -15.74 1.07 -11.23
N LEU B 129 -14.83 0.76 -10.31
CA LEU B 129 -13.73 1.64 -9.98
C LEU B 129 -12.44 1.48 -10.73
N LEU B 130 -12.08 0.26 -11.08
CA LEU B 130 -10.80 0.06 -11.78
C LEU B 130 -10.97 0.41 -13.25
N GLN B 131 -11.04 1.71 -13.51
CA GLN B 131 -11.23 2.33 -14.80
C GLN B 131 -10.15 3.38 -15.08
N ALA B 132 -9.61 3.32 -16.31
CA ALA B 132 -8.56 4.32 -16.67
C ALA B 132 -9.21 5.71 -16.46
N GLY B 133 -8.45 6.62 -15.91
CA GLY B 133 -8.94 7.99 -15.66
C GLY B 133 -9.31 8.17 -14.18
N TYR B 134 -9.70 7.06 -13.58
CA TYR B 134 -10.10 7.04 -12.16
C TYR B 134 -8.84 7.17 -11.30
N LYS B 135 -9.04 7.99 -10.27
CA LYS B 135 -7.95 8.28 -9.35
C LYS B 135 -8.08 7.43 -8.08
N GLY B 136 -6.92 6.96 -7.70
CA GLY B 136 -6.65 6.23 -6.47
C GLY B 136 -5.59 7.06 -5.68
N ARG B 137 -5.22 6.50 -4.56
CA ARG B 137 -4.34 7.17 -3.59
C ARG B 137 -3.31 6.19 -3.06
N VAL B 138 -2.07 6.68 -3.00
CA VAL B 138 -0.96 5.85 -2.49
C VAL B 138 -0.34 6.63 -1.30
N THR B 139 0.15 5.86 -0.37
CA THR B 139 0.78 6.43 0.83
C THR B 139 2.03 5.63 1.16
N GLY B 140 2.98 6.29 1.80
CA GLY B 140 4.22 5.66 2.24
C GLY B 140 5.18 6.70 2.83
N TRP B 141 6.21 6.17 3.45
CA TRP B 141 7.31 6.91 4.06
C TRP B 141 8.58 6.73 3.19
N GLY B 142 8.36 6.39 1.94
CA GLY B 142 9.43 6.18 0.97
C GLY B 142 10.08 7.48 0.52
N ASN B 143 11.08 7.25 -0.33
CA ASN B 143 11.91 8.27 -0.94
C ASN B 143 11.07 9.38 -1.58
N LEU B 144 11.54 10.59 -1.35
CA LEU B 144 10.94 11.81 -1.85
C LEU B 144 11.36 12.09 -3.29
N LYS B 145 12.46 11.44 -3.66
CA LYS B 145 12.97 11.62 -5.05
C LYS B 145 13.69 10.33 -5.42
N GLU B 146 13.77 10.08 -6.71
CA GLU B 146 14.43 8.87 -7.22
C GLU B 146 15.90 8.81 -6.82
N GLY B 155 15.43 13.46 1.35
CA GLY B 155 14.88 12.45 0.43
C GLY B 155 13.98 11.45 1.17
N GLN B 156 14.03 11.57 2.47
CA GLN B 156 13.16 10.74 3.37
C GLN B 156 12.30 11.79 4.08
N PRO B 157 11.02 11.50 4.22
CA PRO B 157 10.07 12.44 4.85
C PRO B 157 10.04 12.21 6.34
N SER B 158 9.55 13.20 7.07
CA SER B 158 9.45 13.00 8.55
C SER B 158 8.06 12.39 8.87
N VAL B 159 7.17 12.56 7.94
CA VAL B 159 5.77 12.10 8.11
C VAL B 159 5.28 11.36 6.89
N LEU B 160 4.23 10.54 7.09
CA LEU B 160 3.58 9.78 6.00
C LEU B 160 3.21 10.74 4.88
N GLN B 161 3.44 10.36 3.65
CA GLN B 161 3.11 11.14 2.47
C GLN B 161 1.96 10.47 1.70
N VAL B 162 1.25 11.30 0.94
CA VAL B 162 0.09 10.88 0.18
C VAL B 162 0.09 11.51 -1.20
N VAL B 163 -0.37 10.74 -2.18
CA VAL B 163 -0.54 11.24 -3.55
C VAL B 163 -1.71 10.51 -4.19
N ASN B 164 -2.43 11.23 -5.01
CA ASN B 164 -3.58 10.69 -5.76
C ASN B 164 -3.17 10.53 -7.22
N LEU B 165 -3.36 9.36 -7.77
CA LEU B 165 -2.95 9.14 -9.20
C LEU B 165 -4.02 8.38 -9.97
N PRO B 166 -4.16 8.71 -11.24
CA PRO B 166 -5.16 8.07 -12.12
C PRO B 166 -4.64 6.74 -12.66
N ILE B 167 -5.56 5.81 -12.83
CA ILE B 167 -5.27 4.47 -13.41
C ILE B 167 -4.98 4.74 -14.90
N VAL B 168 -3.99 4.04 -15.43
CA VAL B 168 -3.67 4.27 -16.89
C VAL B 168 -4.16 3.07 -17.70
N GLU B 169 -4.54 3.36 -18.91
CA GLU B 169 -4.93 2.39 -19.91
C GLU B 169 -3.77 1.37 -20.11
N ARG B 170 -4.14 0.13 -20.09
CA ARG B 170 -3.32 -1.05 -20.23
C ARG B 170 -2.32 -1.01 -21.38
N PRO B 171 -2.73 -0.42 -22.49
CA PRO B 171 -1.86 -0.30 -23.67
C PRO B 171 -0.71 0.65 -23.42
N VAL B 172 -1.05 1.75 -22.78
CA VAL B 172 -0.07 2.78 -22.40
C VAL B 172 0.96 2.17 -21.44
N CYS B 173 0.44 1.40 -20.48
CA CYS B 173 1.27 0.77 -19.46
C CYS B 173 2.34 -0.10 -20.14
N LYS B 174 1.80 -0.90 -21.05
CA LYS B 174 2.59 -1.89 -21.79
C LYS B 174 3.67 -1.21 -22.63
N ASP B 175 3.31 -0.15 -23.31
CA ASP B 175 4.20 0.61 -24.18
C ASP B 175 5.22 1.47 -23.47
N SER B 176 5.24 1.46 -22.16
CA SER B 176 6.12 2.36 -21.40
C SER B 176 7.32 1.62 -20.85
N THR B 177 7.31 0.31 -21.03
CA THR B 177 8.36 -0.55 -20.44
C THR B 177 8.69 -1.72 -21.36
N ARG B 178 9.81 -2.34 -21.08
CA ARG B 178 10.26 -3.53 -21.83
C ARG B 178 9.87 -4.77 -21.01
N ILE B 179 9.39 -4.48 -19.80
CA ILE B 179 8.94 -5.52 -18.88
C ILE B 179 7.58 -6.10 -19.32
N ARG B 180 7.54 -7.41 -19.19
CA ARG B 180 6.31 -8.18 -19.52
C ARG B 180 5.25 -7.99 -18.42
N ILE B 181 4.24 -7.25 -18.76
CA ILE B 181 3.09 -6.88 -17.93
C ILE B 181 2.04 -8.00 -17.94
N THR B 182 1.40 -8.25 -16.82
CA THR B 182 0.33 -9.26 -16.75
C THR B 182 -0.97 -8.65 -16.25
N ASP B 183 -1.99 -9.49 -16.26
CA ASP B 183 -3.34 -9.19 -15.83
C ASP B 183 -3.38 -8.98 -14.30
N ASN B 184 -2.36 -9.41 -13.61
CA ASN B 184 -2.21 -9.28 -12.17
C ASN B 184 -1.55 -7.92 -11.78
N MET B 185 -1.45 -7.02 -12.72
CA MET B 185 -0.82 -5.74 -12.45
C MET B 185 -1.66 -4.67 -13.14
N PHE B 186 -1.49 -3.46 -12.69
CA PHE B 186 -2.10 -2.29 -13.33
C PHE B 186 -1.05 -1.17 -13.09
N CYS B 187 -1.08 -0.18 -13.96
CA CYS B 187 -0.15 0.97 -13.79
C CYS B 187 -1.01 2.22 -13.55
N ALA B 188 -0.35 3.19 -12.95
CA ALA B 188 -0.98 4.46 -12.57
C ALA B 188 0.04 5.60 -12.54
N GLY B 189 -0.46 6.75 -12.91
CA GLY B 189 0.29 8.00 -12.92
C GLY B 189 -0.29 8.91 -14.00
N TYR B 190 0.26 10.13 -13.98
CA TYR B 190 -0.09 11.13 -14.99
C TYR B 190 0.83 10.89 -16.21
N LYS B 191 0.28 11.29 -17.32
CA LYS B 191 0.97 11.25 -18.63
C LYS B 191 1.70 12.59 -18.74
N PRO B 192 2.66 12.64 -19.65
CA PRO B 192 3.49 13.86 -19.79
C PRO B 192 2.69 15.05 -20.22
N ASP B 193 1.55 14.85 -20.86
CA ASP B 193 0.69 15.93 -21.32
C ASP B 193 -0.40 16.36 -20.36
N GLU B 194 -0.33 16.07 -19.09
CA GLU B 194 -1.43 16.41 -18.17
C GLU B 194 -1.01 17.41 -17.13
N GLY B 195 0.28 17.70 -17.11
CA GLY B 195 0.88 18.70 -16.27
C GLY B 195 0.96 18.40 -14.80
N LYS B 196 0.27 17.37 -14.32
CA LYS B 196 0.42 16.98 -12.89
C LYS B 196 1.41 15.79 -12.90
N ARG B 197 2.05 15.59 -11.76
CA ARG B 197 2.99 14.49 -11.59
C ARG B 197 2.89 13.90 -10.19
N GLY B 198 3.70 12.90 -9.93
CA GLY B 198 3.72 12.16 -8.65
C GLY B 198 3.82 10.65 -8.93
N ASP B 199 4.29 9.94 -7.92
CA ASP B 199 4.52 8.49 -8.03
C ASP B 199 4.92 7.96 -6.65
N ALA B 200 5.03 6.64 -6.56
CA ALA B 200 5.58 5.95 -5.40
C ALA B 200 7.10 5.86 -5.73
N CYS B 201 7.88 5.42 -4.80
CA CYS B 201 9.35 5.29 -5.01
C CYS B 201 9.85 4.21 -4.06
N GLU B 202 11.14 3.92 -4.09
CA GLU B 202 11.68 2.89 -3.17
C GLU B 202 11.30 3.31 -1.75
N GLY B 203 11.02 2.33 -0.93
CA GLY B 203 10.58 2.53 0.46
C GLY B 203 9.07 2.42 0.59
N ASP B 204 8.35 2.66 -0.50
CA ASP B 204 6.90 2.64 -0.60
C ASP B 204 6.32 1.26 -0.89
N SER B 205 7.13 0.34 -1.37
CA SER B 205 6.66 -1.02 -1.70
C SER B 205 5.77 -1.57 -0.57
N GLY B 206 4.76 -2.30 -1.03
CA GLY B 206 3.86 -3.00 -0.09
C GLY B 206 2.72 -2.14 0.38
N GLY B 207 2.82 -0.85 0.11
CA GLY B 207 1.80 0.13 0.46
C GLY B 207 0.56 -0.04 -0.42
N PRO B 208 -0.55 0.46 0.16
CA PRO B 208 -1.85 0.37 -0.50
C PRO B 208 -2.10 1.46 -1.51
N PHE B 209 -2.76 1.05 -2.57
CA PHE B 209 -3.35 1.96 -3.58
C PHE B 209 -4.87 1.78 -3.25
N VAL B 210 -5.47 2.85 -2.77
CA VAL B 210 -6.87 2.78 -2.31
C VAL B 210 -7.75 3.70 -3.15
N MET B 211 -9.03 3.35 -3.14
CA MET B 211 -10.08 4.12 -3.83
C MET B 211 -11.30 4.17 -2.86
N LYS B 212 -12.00 5.27 -2.90
CA LYS B 212 -13.19 5.45 -2.03
C LYS B 212 -14.42 5.17 -2.90
N SER B 213 -15.16 4.14 -2.55
CA SER B 213 -16.39 3.86 -3.31
C SER B 213 -17.41 4.97 -3.19
N PRO B 214 -17.91 5.44 -4.31
CA PRO B 214 -18.94 6.47 -4.34
C PRO B 214 -20.32 5.87 -4.03
N PHE B 215 -20.40 4.57 -3.91
CA PHE B 215 -21.66 3.87 -3.64
C PHE B 215 -21.96 3.78 -2.14
N ASN B 216 -20.92 3.46 -1.37
CA ASN B 216 -21.08 3.27 0.06
C ASN B 216 -20.14 4.10 0.92
N ASN B 217 -19.34 4.98 0.34
CA ASN B 217 -18.46 5.87 1.14
C ASN B 217 -17.31 5.15 1.79
N ARG B 218 -17.05 3.91 1.43
CA ARG B 218 -15.94 3.13 2.02
C ARG B 218 -14.67 3.10 1.17
N TRP B 219 -13.55 2.98 1.87
CA TRP B 219 -12.22 2.89 1.27
C TRP B 219 -11.89 1.42 0.96
N TYR B 220 -11.50 1.16 -0.27
CA TYR B 220 -11.14 -0.20 -0.72
C TYR B 220 -9.69 -0.23 -1.23
N GLN B 221 -8.99 -1.29 -0.91
CA GLN B 221 -7.61 -1.44 -1.44
C GLN B 221 -7.67 -2.24 -2.76
N MET B 222 -7.32 -1.51 -3.82
CA MET B 222 -7.28 -2.00 -5.18
C MET B 222 -5.88 -2.49 -5.61
N GLY B 223 -4.83 -1.96 -5.00
CA GLY B 223 -3.46 -2.30 -5.47
C GLY B 223 -2.46 -2.33 -4.36
N ILE B 224 -1.28 -2.86 -4.64
CA ILE B 224 -0.12 -2.89 -3.72
C ILE B 224 1.07 -2.31 -4.56
N VAL B 225 1.73 -1.32 -3.96
CA VAL B 225 2.94 -0.74 -4.61
C VAL B 225 3.90 -1.92 -4.92
N SER B 226 4.15 -2.06 -6.22
CA SER B 226 4.96 -3.19 -6.69
C SER B 226 6.29 -2.84 -7.31
N TRP B 227 6.28 -2.16 -8.44
CA TRP B 227 7.54 -1.78 -9.13
C TRP B 227 7.36 -0.56 -10.00
N GLY B 228 8.49 -0.04 -10.47
CA GLY B 228 8.49 1.11 -11.41
C GLY B 228 9.96 1.33 -11.80
N GLU B 229 10.17 1.92 -12.94
CA GLU B 229 11.61 2.14 -13.36
C GLU B 229 11.96 3.56 -13.02
N GLY B 230 12.65 3.73 -11.92
CA GLY B 230 12.92 5.14 -11.43
C GLY B 230 11.60 5.55 -10.74
N CYS B 231 11.50 6.83 -10.49
CA CYS B 231 10.37 7.47 -9.79
C CYS B 231 10.01 8.81 -10.43
N ASP B 232 8.76 8.91 -10.79
CA ASP B 232 8.17 10.13 -11.34
C ASP B 232 8.94 10.60 -12.58
N ARG B 233 9.29 9.60 -13.40
CA ARG B 233 9.98 9.90 -14.69
C ARG B 233 8.88 10.13 -15.72
N ASP B 234 9.07 11.07 -16.61
CA ASP B 234 8.05 11.35 -17.65
C ASP B 234 7.92 10.10 -18.54
N GLY B 235 6.71 9.80 -18.92
CA GLY B 235 6.39 8.68 -19.80
C GLY B 235 6.58 7.32 -19.17
N LYS B 236 6.85 7.28 -17.89
CA LYS B 236 6.95 6.00 -17.15
C LYS B 236 5.76 5.95 -16.16
N TYR B 237 5.47 4.80 -15.60
CA TYR B 237 4.33 4.61 -14.69
C TYR B 237 4.66 3.66 -13.57
N GLY B 238 4.00 3.86 -12.43
CA GLY B 238 4.21 2.94 -11.28
C GLY B 238 3.29 1.72 -11.55
N PHE B 239 3.77 0.59 -11.11
CA PHE B 239 3.04 -0.68 -11.23
C PHE B 239 2.59 -1.15 -9.83
N TYR B 240 1.40 -1.72 -9.83
CA TYR B 240 0.76 -2.20 -8.57
C TYR B 240 0.19 -3.60 -8.73
N THR B 241 0.19 -4.36 -7.66
CA THR B 241 -0.44 -5.70 -7.67
C THR B 241 -1.95 -5.54 -7.70
N HIS B 242 -2.58 -6.24 -8.62
CA HIS B 242 -4.06 -6.16 -8.80
C HIS B 242 -4.71 -7.06 -7.74
N VAL B 243 -5.11 -6.42 -6.65
CA VAL B 243 -5.66 -7.09 -5.47
C VAL B 243 -6.86 -7.97 -5.78
N PHE B 244 -7.82 -7.46 -6.50
CA PHE B 244 -9.03 -8.21 -6.83
C PHE B 244 -8.67 -9.52 -7.51
N ARG B 245 -7.83 -9.42 -8.54
CA ARG B 245 -7.37 -10.60 -9.29
C ARG B 245 -6.79 -11.69 -8.42
N LEU B 246 -6.26 -11.32 -7.26
CA LEU B 246 -5.64 -12.24 -6.31
C LEU B 246 -6.48 -12.53 -5.07
N LYS B 247 -7.73 -12.07 -5.10
CA LYS B 247 -8.64 -12.20 -3.98
C LYS B 247 -8.90 -13.63 -3.55
N LYS B 248 -9.00 -14.53 -4.49
CA LYS B 248 -9.25 -15.96 -4.19
C LYS B 248 -8.15 -16.61 -3.41
N TRP B 249 -6.92 -16.21 -3.66
CA TRP B 249 -5.77 -16.70 -2.89
C TRP B 249 -5.76 -16.12 -1.48
N ILE B 250 -6.16 -14.87 -1.36
CA ILE B 250 -6.22 -14.17 -0.06
C ILE B 250 -7.17 -14.95 0.86
N GLN B 251 -8.39 -15.04 0.38
CA GLN B 251 -9.51 -15.74 1.02
C GLN B 251 -9.13 -17.17 1.41
N LYS B 252 -8.49 -17.84 0.45
CA LYS B 252 -8.02 -19.21 0.61
C LYS B 252 -7.13 -19.32 1.83
N VAL B 253 -6.19 -18.38 1.94
CA VAL B 253 -5.24 -18.44 3.07
C VAL B 253 -5.96 -18.11 4.37
N ILE B 254 -6.85 -17.12 4.31
CA ILE B 254 -7.53 -16.70 5.54
C ILE B 254 -8.36 -17.82 6.11
N ASP B 255 -9.13 -18.46 5.23
CA ASP B 255 -10.01 -19.57 5.66
C ASP B 255 -9.20 -20.74 6.15
N GLN B 256 -8.10 -20.99 5.48
CA GLN B 256 -7.19 -22.10 5.76
C GLN B 256 -6.36 -21.90 7.01
N PHE B 257 -6.35 -20.67 7.50
CA PHE B 257 -5.50 -20.35 8.67
C PHE B 257 -6.13 -19.22 9.50
N GLY C 1 17.78 3.64 12.66
CA GLY C 1 18.73 4.51 11.91
C GLY C 1 18.39 5.95 12.32
N ASP C 2 17.68 6.57 11.41
CA ASP C 2 17.15 7.96 11.66
C ASP C 2 16.21 7.81 12.87
N PHE C 3 15.90 6.57 13.17
CA PHE C 3 15.01 6.02 14.10
C PHE C 3 15.23 6.10 15.59
N GLU C 4 14.18 6.53 16.28
CA GLU C 4 14.14 6.63 17.76
C GLU C 4 13.93 5.21 18.26
N GLU C 5 14.67 4.78 19.24
CA GLU C 5 14.61 3.42 19.78
C GLU C 5 13.17 3.01 20.10
N ILE C 6 12.93 1.72 19.90
CA ILE C 6 11.62 1.13 20.23
C ILE C 6 11.82 0.42 21.57
N PRO C 7 10.83 0.58 22.43
CA PRO C 7 10.86 -0.01 23.77
C PRO C 7 11.25 -1.48 23.71
C1 DP7 D . 10.09 -0.78 -4.81
B2 DP7 D . 9.99 -1.20 -3.32
C3 DP7 D . 8.95 0.17 -5.27
C4 DP7 D . 9.32 1.21 -6.33
C5 DP7 D . 8.14 1.70 -7.14
C6 DP7 D . 7.68 3.62 -8.80
C7 DP7 D . 11.18 -3.62 -7.27
C8 DP7 D . 11.19 -2.36 -6.35
C9 DP7 D . 11.72 -4.85 -6.54
C10 DP7 D . 13.01 -5.27 -7.22
C11 DP7 D . 13.09 -4.55 -8.50
C12 DP7 D . 11.87 -2.56 -9.44
C13 DP7 D . 12.08 -2.94 -12.03
C14 DP7 D . 12.78 -2.44 -10.72
C15 DP7 D . 14.22 -0.39 -10.59
C16 DP7 D . 14.28 1.13 -10.81
C17 DP7 D . 12.43 -6.78 -11.85
C18 DP7 D . 11.12 -7.20 -12.10
C19 DP7 D . 10.14 -6.26 -12.33
C20 DP7 D . 10.44 -4.89 -12.29
C21 DP7 D . 11.74 -4.46 -12.04
C22 DP7 D . 12.76 -5.41 -11.84
N1 DP7 D . 10.08 -1.99 -5.71
N2 DP7 D . 8.53 2.71 -8.12
N3 DP7 D . 8.19 4.53 -9.49
N4 DP7 D . 6.27 3.54 -8.69
N5 DP7 D . 12.03 -3.51 -8.49
N6 DP7 D . 13.05 -0.98 -10.88
O1 DP7 D . 10.74 -2.32 -2.83
O2 DP7 D . 10.16 -0.16 -2.25
O3 DP7 D . 12.26 -1.75 -6.23
O4 DP7 D . 10.96 -1.72 -9.33
O5 DP7 D . 15.22 -1.01 -10.18
#